data_2WBT
#
_entry.id   2WBT
#
_cell.length_a   51.378
_cell.length_b   120.464
_cell.length_c   51.687
_cell.angle_alpha   90.00
_cell.angle_beta   90.00
_cell.angle_gamma   90.00
#
_symmetry.space_group_name_H-M   'P 21 21 2'
#
loop_
_entity.id
_entity.type
_entity.pdbx_description
1 polymer B-129
2 non-polymer 'ZINC ION'
3 water water
#
_entity_poly.entity_id   1
_entity_poly.type   'polypeptide(L)'
_entity_poly.pdbx_seq_one_letter_code
;MTESDVDSGSKKYLSNHKGIFIHVTLEELKRYHQLTPEQKRLIRAIVKTLIHNPQLLDESSYLYRLLASKAISQFVCPLC
LMPFSSSVSLKQHIRYTEHTKVCPVCKKEFTSTDSALDHVCKKHNICVS
;
_entity_poly.pdbx_strand_id   A,B
#
# COMPACT_ATOMS: atom_id res chain seq x y z
N ASP A 5 -24.06 30.11 10.06
CA ASP A 5 -25.07 29.34 10.85
C ASP A 5 -24.75 27.85 10.82
N VAL A 6 -24.75 27.23 12.00
CA VAL A 6 -24.28 25.85 12.18
C VAL A 6 -25.44 24.90 12.52
N ASP A 7 -25.23 23.61 12.23
CA ASP A 7 -26.23 22.57 12.47
C ASP A 7 -25.50 21.23 12.66
N SER A 8 -24.85 21.08 13.81
CA SER A 8 -23.93 19.96 14.05
C SER A 8 -24.60 18.58 13.98
N GLY A 9 -25.85 18.48 14.43
CA GLY A 9 -26.59 17.22 14.42
C GLY A 9 -27.34 16.92 13.12
N SER A 10 -27.00 17.65 12.06
CA SER A 10 -27.54 17.38 10.73
C SER A 10 -27.05 16.00 10.27
N LYS A 11 -27.92 15.28 9.57
CA LYS A 11 -27.61 13.92 9.11
C LYS A 11 -27.49 13.80 7.58
N LYS A 12 -27.35 14.92 6.88
CA LYS A 12 -27.14 14.88 5.42
C LYS A 12 -25.68 14.64 5.03
N TYR A 13 -24.77 14.68 6.01
CA TYR A 13 -23.38 14.22 5.78
C TYR A 13 -23.38 12.76 5.30
N LEU A 14 -24.36 11.99 5.75
CA LEU A 14 -24.51 10.58 5.36
C LEU A 14 -24.80 10.38 3.87
N SER A 15 -25.52 11.33 3.25
CA SER A 15 -26.01 11.17 1.88
C SER A 15 -25.49 12.24 0.91
N ASN A 16 -24.42 12.93 1.29
CA ASN A 16 -23.84 13.96 0.44
C ASN A 16 -23.20 13.35 -0.81
N HIS A 17 -23.41 14.00 -1.95
CA HIS A 17 -22.95 13.48 -3.24
C HIS A 17 -21.47 13.76 -3.47
N LYS A 18 -20.97 14.86 -2.89
CA LYS A 18 -19.54 15.17 -2.88
C LYS A 18 -18.73 14.12 -2.10
N GLY A 19 -19.40 13.41 -1.20
CA GLY A 19 -18.81 12.25 -0.54
C GLY A 19 -18.31 12.51 0.87
N ILE A 20 -17.18 11.88 1.20
CA ILE A 20 -16.62 11.92 2.56
C ILE A 20 -15.99 13.28 2.88
N PHE A 21 -16.52 13.94 3.91
CA PHE A 21 -15.96 15.21 4.38
C PHE A 21 -14.87 14.96 5.42
N ILE A 22 -13.62 15.14 4.99
CA ILE A 22 -12.48 15.06 5.90
C ILE A 22 -12.09 16.45 6.37
N HIS A 23 -12.31 16.73 7.65
CA HIS A 23 -11.97 18.04 8.22
C HIS A 23 -10.46 18.22 8.26
N VAL A 24 -10.02 19.41 7.86
CA VAL A 24 -8.60 19.68 7.67
C VAL A 24 -8.26 21.12 8.06
N THR A 25 -6.99 21.37 8.37
CA THR A 25 -6.52 22.71 8.76
C THR A 25 -6.46 23.64 7.54
N LEU A 26 -5.93 24.85 7.73
CA LEU A 26 -5.80 25.82 6.63
C LEU A 26 -4.60 25.57 5.73
N GLU A 27 -3.51 25.03 6.28
CA GLU A 27 -2.28 24.79 5.52
C GLU A 27 -2.44 23.67 4.51
N GLU A 28 -3.04 22.56 4.96
CA GLU A 28 -3.20 21.36 4.13
C GLU A 28 -4.46 21.41 3.24
N LEU A 29 -5.44 22.22 3.64
CA LEU A 29 -6.61 22.52 2.80
C LEU A 29 -6.18 23.14 1.47
N LYS A 30 -5.37 24.19 1.57
CA LYS A 30 -4.82 24.87 0.40
C LYS A 30 -3.84 23.97 -0.35
N ARG A 31 -3.04 23.23 0.42
CA ARG A 31 -2.08 22.28 -0.15
C ARG A 31 -2.77 21.10 -0.86
N TYR A 32 -4.00 20.79 -0.47
CA TYR A 32 -4.79 19.76 -1.15
C TYR A 32 -5.29 20.24 -2.51
N HIS A 33 -5.83 21.46 -2.55
CA HIS A 33 -6.25 22.07 -3.82
C HIS A 33 -5.06 22.68 -4.58
N GLN A 34 -3.85 22.30 -4.20
CA GLN A 34 -2.63 22.58 -4.95
C GLN A 34 -2.11 21.30 -5.63
N LEU A 35 -2.74 20.17 -5.32
CA LEU A 35 -2.40 18.88 -5.93
C LEU A 35 -2.94 18.85 -7.36
N THR A 36 -2.27 18.09 -8.21
CA THR A 36 -2.74 17.88 -9.58
C THR A 36 -4.00 17.00 -9.56
N PRO A 37 -4.85 17.10 -10.60
CA PRO A 37 -6.00 16.21 -10.71
C PRO A 37 -5.65 14.72 -10.58
N GLU A 38 -4.46 14.35 -11.06
CA GLU A 38 -3.96 12.98 -10.98
C GLU A 38 -3.64 12.55 -9.54
N GLN A 39 -3.13 13.48 -8.74
CA GLN A 39 -2.81 13.20 -7.33
C GLN A 39 -4.08 13.03 -6.50
N LYS A 40 -5.05 13.92 -6.71
CA LYS A 40 -6.36 13.82 -6.06
C LYS A 40 -7.06 12.51 -6.39
N ARG A 41 -6.89 12.04 -7.62
CA ARG A 41 -7.46 10.76 -8.07
C ARG A 41 -6.87 9.60 -7.28
N LEU A 42 -5.55 9.60 -7.11
CA LEU A 42 -4.85 8.57 -6.34
C LEU A 42 -5.28 8.55 -4.88
N ILE A 43 -5.49 9.73 -4.29
CA ILE A 43 -5.93 9.83 -2.90
C ILE A 43 -7.31 9.20 -2.72
N ARG A 44 -8.19 9.45 -3.70
CA ARG A 44 -9.53 8.85 -3.72
C ARG A 44 -9.45 7.33 -3.89
N ALA A 45 -8.61 6.88 -4.81
CA ALA A 45 -8.43 5.45 -5.08
C ALA A 45 -7.95 4.67 -3.85
N ILE A 46 -7.02 5.27 -3.10
CA ILE A 46 -6.54 4.69 -1.84
C ILE A 46 -7.66 4.62 -0.81
N VAL A 47 -8.37 5.73 -0.64
CA VAL A 47 -9.49 5.79 0.30
C VAL A 47 -10.57 4.77 -0.05
N LYS A 48 -10.85 4.61 -1.35
CA LYS A 48 -11.80 3.61 -1.81
C LYS A 48 -11.34 2.19 -1.47
N THR A 49 -10.06 1.92 -1.70
CA THR A 49 -9.47 0.62 -1.35
C THR A 49 -9.53 0.37 0.15
N LEU A 50 -9.22 1.40 0.94
CA LEU A 50 -9.29 1.30 2.40
C LEU A 50 -10.70 1.05 2.91
N ILE A 51 -11.69 1.66 2.24
CA ILE A 51 -13.10 1.44 2.56
C ILE A 51 -13.52 -0.02 2.31
N HIS A 52 -13.06 -0.60 1.20
CA HIS A 52 -13.44 -1.96 0.81
C HIS A 52 -12.63 -3.06 1.50
N ASN A 53 -11.42 -2.73 1.96
CA ASN A 53 -10.55 -3.67 2.68
C ASN A 53 -10.04 -3.04 3.99
N PRO A 54 -10.92 -2.91 4.99
CA PRO A 54 -10.55 -2.18 6.22
C PRO A 54 -9.44 -2.78 7.10
N GLN A 55 -8.98 -4.00 6.81
CA GLN A 55 -7.83 -4.57 7.52
C GLN A 55 -6.49 -3.96 7.05
N LEU A 56 -6.52 -3.29 5.89
CA LEU A 56 -5.35 -2.54 5.41
C LEU A 56 -5.05 -1.33 6.30
N LEU A 57 -6.05 -0.87 7.05
CA LEU A 57 -5.85 0.19 8.06
C LEU A 57 -4.94 -0.27 9.20
N ASP A 58 -5.09 -1.53 9.61
CA ASP A 58 -4.25 -2.12 10.65
C ASP A 58 -2.84 -2.46 10.16
N GLU A 59 -2.68 -2.53 8.84
CA GLU A 59 -1.38 -2.79 8.20
C GLU A 59 -0.69 -1.51 7.72
N SER A 60 -1.32 -0.37 7.96
CA SER A 60 -0.87 0.91 7.39
C SER A 60 0.42 1.43 8.02
N SER A 61 0.50 1.33 9.35
CA SER A 61 1.73 1.68 10.09
C SER A 61 2.95 1.00 9.49
N TYR A 62 2.80 -0.27 9.15
CA TYR A 62 3.87 -1.06 8.52
C TYR A 62 4.22 -0.54 7.13
N LEU A 63 3.19 -0.25 6.35
CA LEU A 63 3.34 0.18 4.96
C LEU A 63 4.11 1.50 4.85
N TYR A 64 3.76 2.47 5.69
CA TYR A 64 4.41 3.78 5.68
C TYR A 64 5.78 3.79 6.38
N ARG A 65 6.02 2.81 7.24
CA ARG A 65 7.35 2.57 7.80
C ARG A 65 8.23 1.84 6.78
N LEU A 66 7.62 0.98 5.97
CA LEU A 66 8.34 0.32 4.86
C LEU A 66 8.82 1.36 3.85
N LEU A 67 7.92 2.25 3.45
CA LEU A 67 8.21 3.29 2.45
C LEU A 67 9.25 4.28 2.96
N ALA A 68 9.14 4.66 4.23
CA ALA A 68 10.12 5.55 4.87
C ALA A 68 11.52 4.94 4.88
N SER A 69 11.59 3.64 5.16
CA SER A 69 12.87 2.91 5.16
C SER A 69 13.41 2.75 3.75
N LYS A 70 12.54 2.40 2.82
CA LYS A 70 12.91 2.24 1.41
C LYS A 70 13.48 3.52 0.78
N ALA A 71 13.08 4.67 1.32
CA ALA A 71 13.62 5.96 0.89
C ALA A 71 15.05 6.16 1.38
N ILE A 72 15.34 5.69 2.59
CA ILE A 72 16.69 5.73 3.15
C ILE A 72 17.62 4.77 2.41
N SER A 73 17.10 3.59 2.08
CA SER A 73 17.89 2.57 1.40
C SER A 73 17.03 1.58 0.61
N GLN A 74 17.61 1.08 -0.47
CA GLN A 74 17.05 -0.02 -1.26
C GLN A 74 17.02 -1.32 -0.46
N PHE A 75 17.96 -1.47 0.47
CA PHE A 75 18.15 -2.70 1.22
C PHE A 75 17.50 -2.62 2.60
N VAL A 76 16.29 -3.17 2.69
CA VAL A 76 15.49 -3.13 3.91
C VAL A 76 15.05 -4.54 4.31
N CYS A 77 14.96 -4.76 5.62
CA CYS A 77 14.51 -6.04 6.16
C CYS A 77 12.99 -6.02 6.34
N PRO A 78 12.28 -7.02 5.78
CA PRO A 78 10.82 -7.03 5.88
C PRO A 78 10.30 -7.18 7.31
N LEU A 79 11.04 -7.92 8.14
CA LEU A 79 10.61 -8.18 9.52
C LEU A 79 10.80 -6.98 10.45
N CYS A 80 11.92 -6.26 10.34
CA CYS A 80 12.14 -5.07 11.19
C CYS A 80 12.05 -3.73 10.47
N LEU A 81 12.04 -3.73 9.13
CA LEU A 81 11.90 -2.49 8.35
C LEU A 81 13.05 -1.50 8.56
N MET A 82 14.24 -2.02 8.85
N MET A 82 14.25 -2.02 8.81
CA MET A 82 15.43 -1.18 9.07
CA MET A 82 15.35 -1.11 9.01
C MET A 82 16.34 -1.22 7.83
C MET A 82 16.34 -1.21 7.86
N PRO A 83 16.76 -0.05 7.34
CA PRO A 83 17.61 0.06 6.16
C PRO A 83 19.05 -0.35 6.45
N PHE A 84 19.71 -0.93 5.45
CA PHE A 84 21.11 -1.30 5.56
C PHE A 84 21.91 -0.74 4.39
N SER A 85 23.22 -0.60 4.60
CA SER A 85 24.09 0.07 3.64
C SER A 85 24.18 -0.66 2.31
N SER A 86 24.15 -2.00 2.37
CA SER A 86 24.28 -2.84 1.19
C SER A 86 23.47 -4.13 1.36
N SER A 87 23.41 -4.92 0.29
CA SER A 87 22.76 -6.23 0.33
C SER A 87 23.53 -7.21 1.21
N VAL A 88 24.85 -7.06 1.21
CA VAL A 88 25.74 -7.91 2.01
C VAL A 88 25.49 -7.73 3.52
N SER A 89 25.36 -6.48 3.95
CA SER A 89 25.09 -6.17 5.35
C SER A 89 23.64 -6.48 5.73
N LEU A 90 22.73 -6.40 4.76
CA LEU A 90 21.33 -6.75 4.96
C LEU A 90 21.14 -8.23 5.28
N LYS A 91 21.81 -9.10 4.51
CA LYS A 91 21.68 -10.55 4.72
C LYS A 91 22.61 -11.08 5.81
N GLN A 92 23.59 -10.29 6.23
CA GLN A 92 24.32 -10.59 7.47
C GLN A 92 23.35 -10.42 8.64
N HIS A 93 22.52 -9.39 8.56
CA HIS A 93 21.51 -9.11 9.60
C HIS A 93 20.45 -10.20 9.63
N ILE A 94 19.95 -10.56 8.45
CA ILE A 94 18.90 -11.59 8.35
C ILE A 94 19.43 -12.95 8.81
N ARG A 95 20.63 -13.28 8.39
CA ARG A 95 21.24 -14.57 8.75
C ARG A 95 21.56 -14.69 10.24
N TYR A 96 22.13 -13.64 10.82
CA TYR A 96 22.66 -13.72 12.19
C TYR A 96 21.91 -12.89 13.25
N THR A 97 21.22 -11.83 12.84
CA THR A 97 20.70 -10.84 13.80
C THR A 97 19.16 -10.72 13.89
N GLU A 98 18.44 -11.16 12.86
CA GLU A 98 16.98 -11.04 12.84
C GLU A 98 16.31 -12.26 13.49
N HIS A 99 15.69 -12.05 14.65
CA HIS A 99 15.12 -13.15 15.45
C HIS A 99 13.60 -13.11 15.65
N THR A 100 12.89 -12.19 14.99
CA THR A 100 11.44 -12.08 15.18
C THR A 100 10.69 -13.27 14.56
N LYS A 101 9.73 -13.81 15.30
CA LYS A 101 8.89 -14.91 14.82
C LYS A 101 7.52 -14.42 14.36
N VAL A 102 7.19 -13.17 14.67
CA VAL A 102 5.88 -12.61 14.30
C VAL A 102 6.00 -11.79 13.02
N CYS A 103 5.01 -11.96 12.14
CA CYS A 103 4.94 -11.17 10.91
C CYS A 103 4.46 -9.75 11.22
N PRO A 104 5.27 -8.72 10.85
CA PRO A 104 4.96 -7.33 11.21
C PRO A 104 3.63 -6.85 10.62
N VAL A 105 3.11 -7.59 9.65
CA VAL A 105 1.90 -7.23 8.93
C VAL A 105 0.65 -7.86 9.53
N CYS A 106 0.60 -9.19 9.56
CA CYS A 106 -0.60 -9.94 9.98
C CYS A 106 -0.56 -10.49 11.40
N LYS A 107 0.61 -10.51 12.02
CA LYS A 107 0.76 -10.92 13.43
C LYS A 107 0.64 -12.42 13.67
N LYS A 108 0.90 -13.20 12.62
N LYS A 108 0.85 -13.22 12.63
CA LYS A 108 0.90 -14.65 12.70
CA LYS A 108 0.85 -14.67 12.78
C LYS A 108 2.27 -15.11 13.18
C LYS A 108 2.25 -15.14 13.14
N GLU A 109 2.31 -16.20 13.96
CA GLU A 109 3.56 -16.64 14.60
C GLU A 109 4.14 -17.92 13.99
N PHE A 110 5.45 -18.11 14.18
CA PHE A 110 6.19 -19.19 13.52
C PHE A 110 7.26 -19.85 14.39
N THR A 111 7.75 -21.00 13.91
CA THR A 111 8.84 -21.74 14.57
C THR A 111 10.16 -20.98 14.42
N SER A 112 10.48 -20.64 13.17
CA SER A 112 11.72 -19.96 12.83
C SER A 112 11.42 -18.60 12.21
N THR A 113 12.41 -17.71 12.24
CA THR A 113 12.27 -16.40 11.60
C THR A 113 12.36 -16.54 10.07
N ASP A 114 12.95 -17.64 9.60
CA ASP A 114 12.96 -17.98 8.18
C ASP A 114 11.56 -18.35 7.68
N SER A 115 10.77 -19.00 8.53
CA SER A 115 9.36 -19.27 8.23
C SER A 115 8.55 -17.97 8.23
N ALA A 116 8.93 -17.05 9.12
CA ALA A 116 8.35 -15.71 9.13
C ALA A 116 8.68 -14.94 7.85
N LEU A 117 9.91 -15.13 7.35
CA LEU A 117 10.34 -14.50 6.09
C LEU A 117 9.54 -15.01 4.89
N ASP A 118 9.50 -16.33 4.72
CA ASP A 118 8.77 -16.96 3.61
C ASP A 118 7.31 -16.52 3.62
N HIS A 119 6.73 -16.40 4.81
CA HIS A 119 5.35 -15.96 4.96
C HIS A 119 5.13 -14.53 4.47
N VAL A 120 5.99 -13.61 4.90
CA VAL A 120 5.87 -12.20 4.50
C VAL A 120 6.07 -12.01 3.00
N CYS A 121 6.78 -12.94 2.36
CA CYS A 121 6.95 -12.93 0.92
C CYS A 121 5.78 -13.61 0.20
N LYS A 122 5.36 -14.77 0.70
CA LYS A 122 4.31 -15.55 0.04
C LYS A 122 2.92 -14.95 0.17
N LYS A 123 2.58 -14.44 1.35
CA LYS A 123 1.22 -13.92 1.60
C LYS A 123 1.13 -12.40 1.77
N HIS A 124 2.27 -11.70 1.75
CA HIS A 124 2.25 -10.23 1.74
C HIS A 124 3.08 -9.63 0.60
N ASN A 125 3.78 -10.51 -0.10
CA ASN A 125 4.53 -10.18 -1.30
C ASN A 125 5.66 -9.18 -1.08
N ILE A 126 6.27 -9.22 0.10
CA ILE A 126 7.44 -8.38 0.37
C ILE A 126 8.62 -9.33 0.57
N CYS A 127 9.52 -9.31 -0.40
CA CYS A 127 10.50 -10.38 -0.58
C CYS A 127 11.92 -9.83 -0.69
N VAL A 128 12.88 -10.58 -0.17
CA VAL A 128 14.29 -10.21 -0.26
C VAL A 128 15.17 -11.44 -0.50
N SER A 129 16.26 -11.23 -1.23
CA SER A 129 17.28 -12.26 -1.42
C SER A 129 17.89 -12.69 -0.09
N LYS B 18 -14.13 23.26 8.67
CA LYS B 18 -13.69 23.37 7.24
C LYS B 18 -12.78 22.21 6.86
N GLY B 19 -12.94 21.72 5.64
CA GLY B 19 -12.17 20.56 5.17
C GLY B 19 -12.25 20.29 3.68
N ILE B 20 -12.11 19.02 3.32
CA ILE B 20 -12.15 18.60 1.91
C ILE B 20 -13.11 17.42 1.72
N PHE B 21 -13.71 17.37 0.53
CA PHE B 21 -14.61 16.28 0.14
C PHE B 21 -13.87 15.30 -0.78
N ILE B 22 -13.77 14.04 -0.37
CA ILE B 22 -13.23 12.99 -1.21
C ILE B 22 -14.39 12.29 -1.92
N HIS B 23 -14.41 12.40 -3.25
CA HIS B 23 -15.61 12.05 -4.05
C HIS B 23 -15.85 10.54 -4.16
N VAL B 24 -16.28 9.95 -3.05
CA VAL B 24 -16.56 8.52 -2.97
C VAL B 24 -18.02 8.28 -3.36
N THR B 25 -18.35 7.05 -3.76
CA THR B 25 -19.73 6.74 -4.18
C THR B 25 -20.65 6.65 -2.96
N LEU B 26 -21.95 6.76 -3.22
CA LEU B 26 -22.96 6.76 -2.16
C LEU B 26 -22.92 5.49 -1.32
N GLU B 27 -22.68 4.35 -1.96
CA GLU B 27 -22.49 3.08 -1.25
C GLU B 27 -21.26 3.19 -0.33
N GLU B 28 -20.12 3.54 -0.91
CA GLU B 28 -18.86 3.68 -0.17
C GLU B 28 -18.93 4.70 0.96
N LEU B 29 -19.80 5.71 0.81
CA LEU B 29 -20.00 6.74 1.83
C LEU B 29 -20.74 6.21 3.06
N LYS B 30 -21.79 5.43 2.84
CA LYS B 30 -22.52 4.80 3.95
C LYS B 30 -21.72 3.62 4.52
N ARG B 31 -20.94 2.97 3.67
CA ARG B 31 -19.96 1.96 4.10
C ARG B 31 -18.92 2.59 5.01
N TYR B 32 -18.45 3.78 4.61
CA TYR B 32 -17.44 4.53 5.37
C TYR B 32 -17.92 4.84 6.78
N HIS B 33 -19.12 5.39 6.90
CA HIS B 33 -19.69 5.79 8.20
C HIS B 33 -20.13 4.62 9.08
N GLN B 34 -20.05 3.40 8.56
CA GLN B 34 -20.26 2.19 9.36
C GLN B 34 -18.95 1.67 9.97
N LEU B 35 -17.82 2.26 9.57
CA LEU B 35 -16.53 1.96 10.19
C LEU B 35 -16.50 2.56 11.59
N THR B 36 -15.61 2.02 12.42
CA THR B 36 -15.41 2.54 13.77
C THR B 36 -14.68 3.87 13.69
N PRO B 37 -14.89 4.76 14.68
CA PRO B 37 -14.11 6.00 14.74
C PRO B 37 -12.61 5.77 14.56
N GLU B 38 -12.12 4.68 15.12
CA GLU B 38 -10.69 4.33 15.05
C GLU B 38 -10.25 4.05 13.61
N GLN B 39 -11.05 3.28 12.88
CA GLN B 39 -10.80 3.05 11.46
C GLN B 39 -10.93 4.36 10.67
N LYS B 40 -11.90 5.17 11.07
CA LYS B 40 -12.19 6.44 10.38
C LYS B 40 -11.10 7.50 10.55
N ARG B 41 -10.56 7.64 11.76
CA ARG B 41 -9.46 8.58 11.98
C ARG B 41 -8.14 8.08 11.37
N LEU B 42 -7.98 6.76 11.30
CA LEU B 42 -6.85 6.16 10.59
C LEU B 42 -6.88 6.52 9.10
N ILE B 43 -8.08 6.46 8.51
CA ILE B 43 -8.27 6.80 7.10
C ILE B 43 -7.88 8.26 6.81
N ARG B 44 -8.43 9.20 7.58
CA ARG B 44 -8.14 10.61 7.36
C ARG B 44 -6.74 11.02 7.83
N ALA B 45 -6.14 10.23 8.72
CA ALA B 45 -4.74 10.39 9.07
C ALA B 45 -3.84 9.98 7.90
N ILE B 46 -4.27 8.97 7.16
CA ILE B 46 -3.54 8.49 5.98
C ILE B 46 -3.58 9.50 4.82
N VAL B 47 -4.73 10.11 4.61
CA VAL B 47 -4.88 11.11 3.55
C VAL B 47 -4.13 12.40 3.88
N LYS B 48 -4.00 12.70 5.16
CA LYS B 48 -3.22 13.84 5.63
C LYS B 48 -1.72 13.63 5.44
N THR B 49 -1.25 12.43 5.73
CA THR B 49 0.12 12.03 5.44
C THR B 49 0.44 12.23 3.96
N LEU B 50 -0.51 11.82 3.11
CA LEU B 50 -0.37 11.93 1.67
C LEU B 50 -0.42 13.37 1.16
N ILE B 51 -1.24 14.21 1.79
CA ILE B 51 -1.29 15.65 1.46
C ILE B 51 0.06 16.32 1.75
N HIS B 52 0.64 15.98 2.89
CA HIS B 52 1.95 16.52 3.29
C HIS B 52 3.11 15.91 2.52
N ASN B 53 2.95 14.65 2.11
CA ASN B 53 3.98 13.93 1.37
C ASN B 53 3.38 13.35 0.09
N PRO B 54 3.05 14.21 -0.91
CA PRO B 54 2.41 13.74 -2.14
C PRO B 54 3.31 12.88 -3.02
N GLN B 55 4.62 12.92 -2.77
CA GLN B 55 5.55 12.02 -3.44
C GLN B 55 5.29 10.56 -3.02
N LEU B 56 4.66 10.38 -1.87
CA LEU B 56 4.30 9.04 -1.37
C LEU B 56 3.12 8.41 -2.12
N LEU B 57 2.32 9.22 -2.82
CA LEU B 57 1.05 8.76 -3.41
C LEU B 57 1.18 7.61 -4.42
N ASP B 58 2.12 7.71 -5.34
CA ASP B 58 2.31 6.69 -6.39
C ASP B 58 2.57 5.29 -5.83
N GLU B 59 3.31 5.23 -4.73
CA GLU B 59 3.82 3.97 -4.20
C GLU B 59 2.87 3.34 -3.18
N SER B 60 2.25 4.17 -2.34
CA SER B 60 1.26 3.68 -1.38
C SER B 60 0.00 3.21 -2.09
N SER B 61 -0.37 3.91 -3.17
CA SER B 61 -1.45 3.46 -4.06
C SER B 61 -1.18 2.03 -4.55
N TYR B 62 0.06 1.80 -4.97
CA TYR B 62 0.51 0.49 -5.44
C TYR B 62 0.39 -0.58 -4.35
N LEU B 63 1.01 -0.32 -3.20
CA LEU B 63 1.05 -1.29 -2.10
C LEU B 63 -0.33 -1.58 -1.53
N TYR B 64 -1.15 -0.54 -1.36
CA TYR B 64 -2.53 -0.73 -0.91
C TYR B 64 -3.33 -1.60 -1.88
N ARG B 65 -3.04 -1.49 -3.17
CA ARG B 65 -3.68 -2.31 -4.19
C ARG B 65 -3.06 -3.71 -4.28
N LEU B 66 -1.77 -3.82 -3.99
CA LEU B 66 -1.10 -5.12 -3.91
C LEU B 66 -1.69 -5.96 -2.79
N LEU B 67 -1.71 -5.39 -1.59
CA LEU B 67 -2.28 -6.05 -0.41
C LEU B 67 -3.77 -6.33 -0.58
N ALA B 68 -4.47 -5.47 -1.32
CA ALA B 68 -5.88 -5.68 -1.65
C ALA B 68 -6.05 -6.93 -2.50
N SER B 69 -5.29 -7.00 -3.59
CA SER B 69 -5.28 -8.17 -4.48
C SER B 69 -4.78 -9.43 -3.77
N LYS B 70 -3.82 -9.26 -2.87
CA LYS B 70 -3.23 -10.38 -2.13
C LYS B 70 -4.26 -11.04 -1.21
N ALA B 71 -5.24 -10.26 -0.77
CA ALA B 71 -6.35 -10.78 0.04
C ALA B 71 -7.30 -11.66 -0.79
N ILE B 72 -7.44 -11.35 -2.08
CA ILE B 72 -8.27 -12.15 -2.98
C ILE B 72 -7.57 -13.46 -3.33
N SER B 73 -6.31 -13.37 -3.76
CA SER B 73 -5.48 -14.54 -4.02
C SER B 73 -4.02 -14.28 -3.71
N GLN B 74 -3.29 -15.36 -3.42
CA GLN B 74 -1.84 -15.31 -3.25
C GLN B 74 -1.14 -14.92 -4.56
N PHE B 75 -1.74 -15.32 -5.68
CA PHE B 75 -1.09 -15.23 -6.99
C PHE B 75 -1.46 -13.91 -7.69
N VAL B 76 -0.60 -12.91 -7.51
CA VAL B 76 -0.83 -11.55 -8.00
C VAL B 76 0.28 -11.11 -8.96
N CYS B 77 -0.09 -10.34 -9.97
CA CYS B 77 0.86 -9.84 -10.96
C CYS B 77 1.45 -8.51 -10.46
N PRO B 78 2.80 -8.46 -10.33
CA PRO B 78 3.48 -7.28 -9.80
C PRO B 78 3.30 -6.02 -10.66
N LEU B 79 3.06 -6.18 -11.95
CA LEU B 79 2.92 -5.03 -12.85
C LEU B 79 1.50 -4.48 -12.89
N CYS B 80 0.52 -5.36 -13.02
CA CYS B 80 -0.86 -4.93 -13.15
C CYS B 80 -1.67 -5.11 -11.87
N LEU B 81 -1.16 -5.96 -10.97
CA LEU B 81 -1.73 -6.15 -9.62
C LEU B 81 -3.10 -6.83 -9.66
N MET B 82 -3.26 -7.77 -10.59
CA MET B 82 -4.49 -8.55 -10.69
C MET B 82 -4.29 -9.94 -10.12
N PRO B 83 -5.25 -10.42 -9.32
CA PRO B 83 -5.20 -11.76 -8.76
C PRO B 83 -5.57 -12.85 -9.75
N PHE B 84 -4.90 -13.99 -9.63
CA PHE B 84 -5.17 -15.16 -10.45
C PHE B 84 -5.48 -16.37 -9.59
N SER B 85 -6.18 -17.34 -10.17
CA SER B 85 -6.65 -18.52 -9.45
C SER B 85 -5.49 -19.41 -8.99
N SER B 86 -4.47 -19.50 -9.83
CA SER B 86 -3.36 -20.42 -9.64
C SER B 86 -2.06 -19.78 -10.06
N SER B 87 -0.95 -20.41 -9.72
CA SER B 87 0.37 -19.97 -10.18
C SER B 87 0.53 -20.29 -11.68
N VAL B 88 -0.17 -21.32 -12.14
CA VAL B 88 -0.18 -21.69 -13.56
C VAL B 88 -0.81 -20.59 -14.43
N SER B 89 -1.91 -20.02 -13.97
CA SER B 89 -2.59 -18.94 -14.69
C SER B 89 -1.85 -17.61 -14.61
N LEU B 90 -1.21 -17.35 -13.46
CA LEU B 90 -0.35 -16.17 -13.30
C LEU B 90 0.83 -16.24 -14.26
N LYS B 91 1.36 -17.45 -14.43
CA LYS B 91 2.48 -17.71 -15.34
C LYS B 91 2.07 -17.50 -16.79
N GLN B 92 0.84 -17.92 -17.10
CA GLN B 92 0.30 -17.81 -18.45
C GLN B 92 -0.03 -16.35 -18.80
N HIS B 93 -0.47 -15.57 -17.80
CA HIS B 93 -0.71 -14.13 -17.99
C HIS B 93 0.61 -13.38 -18.19
N ILE B 94 1.61 -13.71 -17.39
CA ILE B 94 2.92 -13.10 -17.53
C ILE B 94 3.57 -13.47 -18.87
N ARG B 95 3.34 -14.71 -19.31
CA ARG B 95 3.89 -15.21 -20.57
C ARG B 95 3.32 -14.50 -21.81
N TYR B 96 2.00 -14.32 -21.87
CA TYR B 96 1.37 -13.77 -23.08
C TYR B 96 0.54 -12.48 -22.92
N THR B 97 0.15 -12.13 -21.70
CA THR B 97 -0.85 -11.07 -21.51
C THR B 97 -0.36 -9.82 -20.75
N GLU B 98 0.87 -9.84 -20.24
CA GLU B 98 1.42 -8.68 -19.54
C GLU B 98 2.43 -7.93 -20.42
N HIS B 99 2.06 -6.73 -20.86
CA HIS B 99 2.91 -5.90 -21.73
C HIS B 99 3.31 -4.56 -21.11
N THR B 100 3.10 -4.39 -19.81
CA THR B 100 3.50 -3.14 -19.15
C THR B 100 5.02 -2.98 -19.23
N LYS B 101 5.44 -1.82 -19.73
CA LYS B 101 6.86 -1.52 -19.94
C LYS B 101 7.34 -0.48 -18.91
N VAL B 102 6.47 -0.16 -17.96
CA VAL B 102 6.71 0.89 -16.97
C VAL B 102 6.44 0.31 -15.59
N CYS B 103 7.38 0.51 -14.66
CA CYS B 103 7.23 0.01 -13.31
C CYS B 103 6.19 0.87 -12.60
N PRO B 104 5.14 0.25 -12.07
CA PRO B 104 4.01 1.02 -11.54
C PRO B 104 4.36 1.85 -10.30
N VAL B 105 5.38 1.41 -9.56
CA VAL B 105 5.82 2.11 -8.36
C VAL B 105 6.67 3.33 -8.69
N CYS B 106 7.75 3.10 -9.44
CA CYS B 106 8.74 4.17 -9.71
C CYS B 106 8.64 4.81 -11.10
N LYS B 107 7.96 4.16 -12.04
CA LYS B 107 7.70 4.70 -13.38
C LYS B 107 8.89 4.65 -14.33
N LYS B 108 9.94 3.93 -13.92
CA LYS B 108 11.10 3.76 -14.76
C LYS B 108 10.69 2.96 -15.99
N GLU B 109 11.11 3.41 -17.16
CA GLU B 109 10.69 2.74 -18.38
C GLU B 109 11.73 1.75 -18.88
N PHE B 110 11.24 0.74 -19.60
CA PHE B 110 12.04 -0.39 -20.01
C PHE B 110 11.85 -0.76 -21.46
N THR B 111 12.78 -1.58 -21.94
CA THR B 111 12.71 -2.14 -23.29
C THR B 111 11.86 -3.42 -23.31
N SER B 112 11.72 -4.05 -22.14
CA SER B 112 11.03 -5.34 -22.02
C SER B 112 10.21 -5.43 -20.74
N THR B 113 9.10 -6.16 -20.80
CA THR B 113 8.24 -6.40 -19.63
C THR B 113 8.93 -7.33 -18.62
N ASP B 114 9.78 -8.22 -19.12
CA ASP B 114 10.57 -9.11 -18.27
C ASP B 114 11.59 -8.31 -17.44
N SER B 115 12.19 -7.31 -18.07
CA SER B 115 13.09 -6.37 -17.40
C SER B 115 12.34 -5.56 -16.33
N ALA B 116 11.11 -5.17 -16.66
CA ALA B 116 10.23 -4.48 -15.71
C ALA B 116 9.89 -5.38 -14.53
N LEU B 117 9.57 -6.64 -14.82
CA LEU B 117 9.35 -7.65 -13.77
C LEU B 117 10.56 -7.80 -12.87
N ASP B 118 11.73 -7.86 -13.48
CA ASP B 118 12.99 -8.05 -12.75
C ASP B 118 13.28 -6.87 -11.82
N HIS B 119 13.06 -5.67 -12.35
CA HIS B 119 13.23 -4.40 -11.63
C HIS B 119 12.31 -4.28 -10.40
N VAL B 120 11.03 -4.61 -10.59
CA VAL B 120 10.04 -4.52 -9.52
C VAL B 120 10.38 -5.47 -8.35
N CYS B 121 10.91 -6.64 -8.69
CA CYS B 121 11.38 -7.61 -7.69
C CYS B 121 12.64 -7.10 -6.99
N LYS B 122 13.65 -6.76 -7.78
CA LYS B 122 14.97 -6.35 -7.28
C LYS B 122 14.94 -5.06 -6.46
N LYS B 123 14.31 -4.02 -7.02
CA LYS B 123 14.34 -2.69 -6.43
C LYS B 123 13.22 -2.44 -5.44
N HIS B 124 12.10 -3.10 -5.65
CA HIS B 124 10.90 -2.82 -4.86
C HIS B 124 10.42 -3.98 -3.99
N ASN B 125 11.01 -5.16 -4.12
CA ASN B 125 10.72 -6.31 -3.24
C ASN B 125 9.47 -7.10 -3.62
N ILE B 126 8.90 -6.83 -4.79
CA ILE B 126 7.69 -7.49 -5.25
C ILE B 126 8.04 -8.56 -6.29
N CYS B 127 8.07 -9.80 -5.84
CA CYS B 127 8.52 -10.93 -6.66
C CYS B 127 7.41 -11.97 -6.74
N VAL B 128 7.41 -12.73 -7.83
CA VAL B 128 6.38 -13.74 -8.07
C VAL B 128 6.80 -15.11 -7.55
#